data_7X39
#
_entry.id   7X39
#
_cell.length_a   44.451
_cell.length_b   48.668
_cell.length_c   73.879
_cell.angle_alpha   85.830
_cell.angle_beta   75.080
_cell.angle_gamma   63.310
#
_symmetry.space_group_name_H-M   'P 1'
#
_entity_poly.entity_id   1
_entity_poly.type   'polypeptide(L)'
_entity_poly.pdbx_seq_one_letter_code
;GHMSHTILLVQPTKRPEGRTYADYESVNECMEGVCKMYEEHLKRMNPNSPSITYDISQLFDFIDDLADLSCLVYRADTQT
YQPYNKDWIKEKIYVLLRRQAQQAGKGSSGSSGSSGSSGSSGSSGSSPGVWGAGGSLKVTILQSSDSRAFSTVPLTPV
;
_entity_poly.pdbx_strand_id   A,B,C,D
#
# COMPACT_ATOMS: atom_id res chain seq x y z
N HIS A 2 13.42 1.46 -8.03
CA HIS A 2 13.24 2.49 -7.02
C HIS A 2 11.79 2.53 -6.49
N MET A 3 11.35 3.71 -6.04
CA MET A 3 9.97 3.86 -5.56
C MET A 3 9.11 4.51 -6.64
N SER A 4 8.92 3.73 -7.69
CA SER A 4 8.05 4.04 -8.80
C SER A 4 7.06 2.89 -8.96
N HIS A 5 5.96 3.17 -9.67
CA HIS A 5 4.91 2.18 -9.88
C HIS A 5 5.50 0.91 -10.48
N THR A 6 5.16 -0.24 -9.88
CA THR A 6 5.68 -1.53 -10.30
C THR A 6 4.53 -2.50 -10.52
N ILE A 7 4.58 -3.23 -11.64
CA ILE A 7 3.59 -4.24 -11.97
C ILE A 7 4.25 -5.61 -11.85
N LEU A 8 3.57 -6.55 -11.20
CA LEU A 8 4.07 -7.90 -10.98
C LEU A 8 3.25 -8.88 -11.82
N LEU A 9 3.92 -9.63 -12.69
CA LEU A 9 3.26 -10.57 -13.59
C LEU A 9 3.55 -11.99 -13.12
N VAL A 10 2.50 -12.70 -12.70
CA VAL A 10 2.63 -14.01 -12.07
C VAL A 10 2.04 -15.07 -13.00
N GLN A 11 2.55 -16.29 -12.88
CA GLN A 11 2.00 -17.44 -13.57
C GLN A 11 2.40 -18.70 -12.81
N PRO A 12 1.52 -19.25 -11.97
CA PRO A 12 1.90 -20.37 -11.11
C PRO A 12 2.19 -21.65 -11.87
N THR A 13 1.24 -22.09 -12.70
CA THR A 13 1.38 -23.30 -13.49
C THR A 13 1.45 -22.96 -14.96
N LYS A 14 1.80 -23.96 -15.77
CA LYS A 14 1.85 -23.77 -17.22
C LYS A 14 0.50 -23.39 -17.78
N ARG A 15 -0.59 -23.83 -17.13
CA ARG A 15 -1.94 -23.43 -17.50
C ARG A 15 -2.07 -21.92 -17.44
N PRO A 16 -2.26 -21.26 -18.58
CA PRO A 16 -2.25 -19.78 -18.59
C PRO A 16 -3.43 -19.16 -17.86
N GLU A 17 -4.52 -19.89 -17.65
CA GLU A 17 -5.67 -19.32 -16.97
C GLU A 17 -5.35 -18.84 -15.55
N GLY A 18 -4.21 -19.28 -15.00
CA GLY A 18 -3.73 -18.85 -13.71
C GLY A 18 -2.92 -17.59 -13.71
N ARG A 19 -2.72 -16.99 -14.88
CA ARG A 19 -1.99 -15.74 -14.96
C ARG A 19 -2.74 -14.65 -14.19
N THR A 20 -1.98 -13.79 -13.52
CA THR A 20 -2.57 -12.66 -12.81
C THR A 20 -1.55 -11.55 -12.74
N TYR A 21 -1.91 -10.48 -12.05
CA TYR A 21 -0.99 -9.37 -11.84
C TYR A 21 -1.41 -8.58 -10.62
N ALA A 22 -0.45 -7.88 -10.05
CA ALA A 22 -0.69 -6.88 -9.02
C ALA A 22 0.28 -5.74 -9.25
N ASP A 23 -0.02 -4.59 -8.67
CA ASP A 23 0.86 -3.44 -8.80
C ASP A 23 1.12 -2.82 -7.44
N TYR A 24 2.25 -2.12 -7.33
CA TYR A 24 2.72 -1.60 -6.06
C TYR A 24 3.36 -0.23 -6.26
N GLU A 25 3.36 0.56 -5.18
CA GLU A 25 3.90 1.91 -5.24
C GLU A 25 5.40 1.92 -5.49
N SER A 26 6.10 0.84 -5.13
CA SER A 26 7.56 0.82 -5.20
C SER A 26 8.02 -0.59 -5.52
N VAL A 27 9.30 -0.70 -5.90
CA VAL A 27 9.91 -2.00 -6.15
C VAL A 27 9.92 -2.83 -4.87
N ASN A 28 10.23 -2.21 -3.74
CA ASN A 28 10.34 -2.96 -2.49
C ASN A 28 9.00 -3.50 -2.02
N GLU A 29 7.91 -2.80 -2.31
CA GLU A 29 6.59 -3.33 -1.98
C GLU A 29 6.14 -4.40 -2.95
N CYS A 30 6.69 -4.43 -4.16
CA CYS A 30 6.42 -5.55 -5.05
C CYS A 30 7.17 -6.79 -4.60
N MET A 31 8.42 -6.62 -4.17
CA MET A 31 9.23 -7.74 -3.70
C MET A 31 8.63 -8.38 -2.47
N GLU A 32 8.13 -7.56 -1.53
CA GLU A 32 7.40 -8.10 -0.38
C GLU A 32 6.15 -8.84 -0.83
N GLY A 33 5.51 -8.36 -1.88
CA GLY A 33 4.35 -9.07 -2.42
C GLY A 33 4.69 -10.46 -2.89
N VAL A 34 5.90 -10.65 -3.41
CA VAL A 34 6.32 -12.00 -3.80
C VAL A 34 6.58 -12.84 -2.55
N CYS A 35 7.25 -12.27 -1.56
CA CYS A 35 7.46 -12.99 -0.31
C CYS A 35 6.13 -13.37 0.33
N LYS A 36 5.20 -12.41 0.41
CA LYS A 36 3.87 -12.68 0.92
C LYS A 36 3.12 -13.70 0.08
N MET A 37 3.37 -13.71 -1.24
CA MET A 37 2.79 -14.76 -2.08
C MET A 37 3.30 -16.14 -1.66
N TYR A 38 4.59 -16.25 -1.38
CA TYR A 38 5.13 -17.50 -0.87
C TYR A 38 4.65 -17.77 0.55
N GLU A 39 4.62 -16.72 1.38
CA GLU A 39 4.26 -16.87 2.79
C GLU A 39 2.86 -17.45 2.94
N GLU A 40 1.85 -16.78 2.38
CA GLU A 40 0.48 -17.25 2.51
C GLU A 40 0.32 -18.67 1.95
N HIS A 41 1.12 -19.02 0.94
CA HIS A 41 1.14 -20.41 0.48
C HIS A 41 1.63 -21.34 1.59
N LEU A 42 2.54 -20.87 2.44
CA LEU A 42 2.94 -21.66 3.61
C LEU A 42 1.84 -21.64 4.67
N LYS A 43 1.36 -20.44 5.01
CA LYS A 43 0.35 -20.33 6.07
C LYS A 43 -0.87 -21.19 5.77
N ARG A 44 -1.25 -21.29 4.49
CA ARG A 44 -2.38 -22.14 4.13
C ARG A 44 -2.01 -23.62 4.20
N MET A 45 -0.75 -23.94 3.91
CA MET A 45 -0.32 -25.33 4.03
C MET A 45 -0.16 -25.74 5.49
N ASN A 46 0.15 -24.80 6.37
CA ASN A 46 0.36 -25.06 7.79
C ASN A 46 -0.61 -24.20 8.61
N PRO A 47 -1.92 -24.51 8.56
CA PRO A 47 -2.89 -23.68 9.28
C PRO A 47 -2.86 -23.87 10.79
N ASN A 48 -2.07 -24.83 11.30
CA ASN A 48 -2.02 -25.12 12.73
C ASN A 48 -0.74 -24.62 13.39
N SER A 49 0.19 -24.05 12.63
CA SER A 49 1.42 -23.50 13.17
C SER A 49 1.28 -21.99 13.33
N PRO A 50 1.31 -21.45 14.55
CA PRO A 50 1.16 -19.99 14.72
C PRO A 50 2.22 -19.20 13.99
N SER A 51 3.43 -19.72 13.91
CA SER A 51 4.49 -19.14 13.10
C SER A 51 5.06 -20.19 12.16
N ILE A 52 5.62 -19.72 11.05
CA ILE A 52 6.32 -20.56 10.11
C ILE A 52 7.64 -19.87 9.77
N THR A 53 8.68 -20.69 9.60
CA THR A 53 10.01 -20.17 9.26
C THR A 53 10.52 -20.89 8.02
N TYR A 54 10.93 -20.12 7.01
CA TYR A 54 11.55 -20.65 5.81
C TYR A 54 12.94 -20.06 5.63
N ASP A 55 13.86 -20.84 5.08
CA ASP A 55 15.12 -20.29 4.60
C ASP A 55 14.85 -19.52 3.32
N ILE A 56 15.66 -18.49 3.08
CA ILE A 56 15.44 -17.66 1.89
C ILE A 56 15.57 -18.50 0.63
N SER A 57 16.39 -19.55 0.66
CA SER A 57 16.52 -20.42 -0.51
C SER A 57 15.23 -21.18 -0.78
N GLN A 58 14.42 -21.43 0.24
CA GLN A 58 13.09 -22.00 0.00
C GLN A 58 12.22 -21.02 -0.77
N LEU A 59 12.33 -19.72 -0.47
CA LEU A 59 11.63 -18.72 -1.26
C LEU A 59 12.12 -18.70 -2.70
N PHE A 60 13.36 -19.15 -2.94
CA PHE A 60 13.89 -19.09 -4.30
C PHE A 60 13.50 -20.32 -5.10
N ASP A 61 13.43 -21.49 -4.46
CA ASP A 61 12.95 -22.68 -5.16
C ASP A 61 11.50 -22.52 -5.58
N PHE A 62 10.66 -22.06 -4.66
CA PHE A 62 9.25 -21.83 -4.95
C PHE A 62 9.08 -20.88 -6.12
N ILE A 63 10.02 -19.95 -6.31
CA ILE A 63 9.96 -19.01 -7.42
C ILE A 63 10.37 -19.68 -8.72
N ASP A 64 11.38 -20.57 -8.68
CA ASP A 64 11.72 -21.36 -9.85
C ASP A 64 10.55 -22.23 -10.27
N ASP A 65 9.78 -22.72 -9.30
CA ASP A 65 8.62 -23.55 -9.62
C ASP A 65 7.58 -22.78 -10.41
N LEU A 66 7.41 -21.49 -10.10
CA LEU A 66 6.50 -20.64 -10.85
C LEU A 66 6.78 -20.77 -12.33
N ALA A 67 5.70 -20.99 -13.11
CA ALA A 67 5.85 -21.07 -14.56
C ALA A 67 6.45 -19.80 -15.12
N ASP A 68 6.07 -18.65 -14.55
CA ASP A 68 6.60 -17.37 -14.99
C ASP A 68 6.46 -16.38 -13.84
N LEU A 69 7.44 -15.49 -13.73
CA LEU A 69 7.35 -14.38 -12.77
C LEU A 69 8.28 -13.28 -13.25
N SER A 70 7.70 -12.17 -13.70
CA SER A 70 8.45 -10.98 -14.07
C SER A 70 7.84 -9.79 -13.37
N CYS A 71 8.45 -8.62 -13.56
CA CYS A 71 7.88 -7.39 -13.01
C CYS A 71 8.29 -6.23 -13.91
N LEU A 72 7.48 -5.17 -13.87
CA LEU A 72 7.71 -3.97 -14.68
C LEU A 72 7.78 -2.76 -13.78
N VAL A 73 8.82 -1.94 -13.95
CA VAL A 73 9.06 -0.79 -13.10
C VAL A 73 8.94 0.47 -13.95
N TYR A 74 8.11 1.41 -13.49
CA TYR A 74 7.98 2.69 -14.17
C TYR A 74 9.29 3.47 -14.09
N ARG A 75 9.56 4.23 -15.14
CA ARG A 75 10.78 5.02 -15.27
C ARG A 75 10.39 6.39 -15.79
N ALA A 76 10.46 7.41 -14.94
CA ALA A 76 9.95 8.73 -15.31
C ALA A 76 10.72 9.33 -16.48
N ASP A 77 12.01 9.04 -16.59
CA ASP A 77 12.84 9.65 -17.63
C ASP A 77 12.29 9.32 -19.02
N THR A 78 11.75 8.13 -19.20
CA THR A 78 11.16 7.73 -20.47
C THR A 78 9.65 7.52 -20.39
N GLN A 79 9.06 7.61 -19.19
CA GLN A 79 7.63 7.36 -18.98
C GLN A 79 7.25 5.98 -19.47
N THR A 80 8.10 4.99 -19.21
CA THR A 80 7.87 3.63 -19.65
C THR A 80 8.16 2.66 -18.51
N TYR A 81 7.59 1.47 -18.62
CA TYR A 81 7.77 0.42 -17.63
C TYR A 81 8.94 -0.47 -18.04
N GLN A 82 9.84 -0.71 -17.11
CA GLN A 82 11.03 -1.50 -17.39
C GLN A 82 10.91 -2.94 -16.96
N PRO A 83 11.16 -3.87 -17.89
CA PRO A 83 11.01 -5.29 -17.57
C PRO A 83 12.19 -5.83 -16.78
N TYR A 84 11.91 -6.82 -15.93
CA TYR A 84 12.87 -7.53 -15.11
C TYR A 84 12.43 -8.98 -15.01
N ASN A 85 13.35 -9.91 -15.17
CA ASN A 85 13.03 -11.33 -15.23
C ASN A 85 13.02 -11.94 -13.82
N LYS A 86 13.02 -13.27 -13.76
CA LYS A 86 12.92 -13.98 -12.49
C LYS A 86 14.16 -13.77 -11.63
N ASP A 87 15.34 -13.86 -12.25
CA ASP A 87 16.60 -13.68 -11.52
C ASP A 87 16.64 -12.35 -10.79
N TRP A 88 16.39 -11.26 -11.52
CA TRP A 88 16.41 -9.93 -10.93
C TRP A 88 15.54 -9.85 -9.68
N ILE A 89 14.33 -10.42 -9.74
CA ILE A 89 13.42 -10.37 -8.61
C ILE A 89 14.00 -11.11 -7.42
N LYS A 90 14.54 -12.31 -7.66
CA LYS A 90 15.11 -13.08 -6.56
C LYS A 90 16.27 -12.32 -5.91
N GLU A 91 17.13 -11.70 -6.71
CA GLU A 91 18.24 -10.92 -6.15
C GLU A 91 17.72 -9.74 -5.36
N LYS A 92 16.72 -9.02 -5.90
CA LYS A 92 16.15 -7.90 -5.18
C LYS A 92 15.58 -8.35 -3.84
N ILE A 93 14.94 -9.52 -3.81
CA ILE A 93 14.42 -10.06 -2.56
C ILE A 93 15.58 -10.43 -1.64
N TYR A 94 16.60 -11.08 -2.19
CA TYR A 94 17.79 -11.40 -1.41
C TYR A 94 18.36 -10.15 -0.76
N VAL A 95 18.44 -9.05 -1.51
CA VAL A 95 19.02 -7.82 -0.99
C VAL A 95 18.11 -7.18 0.04
N LEU A 96 16.81 -7.11 -0.28
CA LEU A 96 15.87 -6.40 0.59
C LEU A 96 15.73 -7.09 1.94
N LEU A 97 15.61 -8.42 1.94
CA LEU A 97 15.47 -9.14 3.19
C LEU A 97 16.76 -9.08 4.02
N ARG A 98 17.92 -9.03 3.36
CA ARG A 98 19.16 -8.90 4.10
C ARG A 98 19.25 -7.53 4.78
N ARG A 99 18.85 -6.47 4.08
CA ARG A 99 18.83 -5.16 4.73
C ARG A 99 17.77 -5.08 5.82
N GLN A 100 16.65 -5.79 5.63
CA GLN A 100 15.63 -5.84 6.67
C GLN A 100 16.11 -6.67 7.86
N ALA A 101 16.83 -7.75 7.61
CA ALA A 101 17.45 -8.50 8.69
C ALA A 101 18.57 -7.72 9.34
N GLN A 102 19.29 -6.91 8.56
CA GLN A 102 20.38 -6.11 9.11
C GLN A 102 19.88 -5.06 10.09
N GLN A 103 18.76 -4.41 9.80
CA GLN A 103 18.19 -3.39 10.68
C GLN A 103 17.40 -3.97 11.84
N ALA A 104 17.54 -5.26 12.11
CA ALA A 104 16.83 -5.92 13.20
C ALA A 104 17.79 -6.49 14.24
N GLY A 134 29.31 -19.66 1.85
CA GLY A 134 27.90 -19.96 1.99
C GLY A 134 27.19 -19.16 3.07
N GLY A 135 26.31 -19.82 3.81
CA GLY A 135 25.46 -19.15 4.77
C GLY A 135 24.19 -18.61 4.13
N SER A 136 23.16 -18.42 4.96
CA SER A 136 21.87 -18.02 4.43
C SER A 136 21.00 -17.44 5.54
N LEU A 137 19.77 -17.08 5.17
CA LEU A 137 18.87 -16.28 5.98
C LEU A 137 17.56 -17.02 6.19
N LYS A 138 17.06 -17.02 7.42
CA LYS A 138 15.78 -17.61 7.78
C LYS A 138 14.78 -16.52 8.12
N VAL A 139 13.56 -16.66 7.62
CA VAL A 139 12.50 -15.71 7.88
C VAL A 139 11.42 -16.39 8.72
N THR A 140 10.96 -15.69 9.75
CA THR A 140 9.94 -16.18 10.67
C THR A 140 8.75 -15.23 10.66
N ILE A 141 7.61 -15.71 10.19
CA ILE A 141 6.37 -14.92 10.16
C ILE A 141 5.36 -15.57 11.10
N LEU A 142 4.54 -14.72 11.71
CA LEU A 142 3.38 -15.18 12.46
C LEU A 142 2.15 -15.17 11.55
N GLN A 143 1.34 -16.23 11.64
CA GLN A 143 0.12 -16.28 10.85
C GLN A 143 -0.80 -15.10 11.12
N SER A 144 -0.60 -14.41 12.24
CA SER A 144 -1.39 -13.23 12.56
C SER A 144 -0.92 -12.01 11.78
N SER A 145 0.39 -11.89 11.57
CA SER A 145 1.00 -10.65 11.07
C SER A 145 1.57 -10.83 9.68
N ASP A 146 1.89 -9.71 9.06
CA ASP A 146 2.64 -9.67 7.82
C ASP A 146 4.09 -9.29 8.01
N SER A 147 4.44 -8.69 9.15
CA SER A 147 5.81 -8.29 9.43
C SER A 147 6.68 -9.51 9.72
N ARG A 148 7.98 -9.36 9.45
CA ARG A 148 8.91 -10.47 9.46
C ARG A 148 9.88 -10.37 10.62
N ALA A 149 10.32 -11.54 11.08
CA ALA A 149 11.43 -11.67 12.02
C ALA A 149 12.51 -12.53 11.37
N PHE A 150 13.76 -12.10 11.49
CA PHE A 150 14.86 -12.69 10.73
C PHE A 150 15.86 -13.38 11.64
N SER A 151 16.54 -14.37 11.07
CA SER A 151 17.58 -15.13 11.77
C SER A 151 18.55 -15.66 10.73
N THR A 152 19.84 -15.39 10.92
CA THR A 152 20.86 -15.78 9.96
C THR A 152 21.40 -17.16 10.28
N VAL A 153 21.75 -17.90 9.22
CA VAL A 153 22.12 -19.31 9.34
C VAL A 153 23.52 -19.52 8.77
N PRO A 154 24.40 -20.21 9.49
CA PRO A 154 25.82 -20.43 9.16
C PRO A 154 26.19 -21.05 7.84
N LEU A 155 25.43 -21.99 7.34
CA LEU A 155 25.71 -22.58 6.06
C LEU A 155 24.43 -22.79 5.32
N THR A 156 24.49 -22.98 4.01
CA THR A 156 23.27 -23.17 3.24
C THR A 156 22.93 -24.62 3.14
N PRO A 157 21.64 -24.94 3.13
CA PRO A 157 21.14 -26.31 3.04
C PRO A 157 21.51 -27.06 1.77
N VAL A 158 21.29 -28.36 1.84
CA VAL A 158 21.69 -29.25 0.75
C VAL A 158 20.91 -28.98 -0.53
N MET B 3 5.29 -4.38 -35.08
CA MET B 3 5.51 -5.72 -34.53
C MET B 3 6.39 -5.66 -33.30
N SER B 4 5.75 -5.57 -32.13
CA SER B 4 6.45 -5.40 -30.87
C SER B 4 5.70 -6.17 -29.79
N HIS B 5 6.45 -6.79 -28.87
CA HIS B 5 5.82 -7.55 -27.79
C HIS B 5 4.85 -6.66 -27.02
N THR B 6 3.64 -7.17 -26.80
CA THR B 6 2.57 -6.41 -26.17
C THR B 6 1.92 -7.25 -25.08
N ILE B 7 1.91 -6.72 -23.86
CA ILE B 7 1.25 -7.35 -22.72
C ILE B 7 -0.02 -6.56 -22.43
N LEU B 8 -1.09 -7.28 -22.09
CA LEU B 8 -2.40 -6.69 -21.87
C LEU B 8 -2.86 -7.03 -20.45
N LEU B 9 -3.27 -6.01 -19.69
CA LEU B 9 -3.71 -6.19 -18.30
C LEU B 9 -5.23 -6.09 -18.25
N VAL B 10 -5.89 -7.20 -17.91
CA VAL B 10 -7.35 -7.29 -17.91
C VAL B 10 -7.83 -7.55 -16.48
N GLN B 11 -8.56 -6.58 -15.93
CA GLN B 11 -9.31 -6.78 -14.70
C GLN B 11 -10.79 -6.73 -15.07
N PRO B 12 -11.45 -7.89 -15.26
CA PRO B 12 -12.83 -7.85 -15.75
C PRO B 12 -13.80 -7.24 -14.76
N THR B 13 -13.86 -7.79 -13.55
CA THR B 13 -14.75 -7.30 -12.50
C THR B 13 -13.96 -6.55 -11.46
N LYS B 14 -14.69 -5.86 -10.57
CA LYS B 14 -14.05 -5.17 -9.46
C LYS B 14 -13.32 -6.12 -8.52
N ARG B 15 -13.63 -7.42 -8.57
CA ARG B 15 -12.91 -8.40 -7.78
C ARG B 15 -11.47 -8.48 -8.26
N PRO B 16 -10.48 -8.15 -7.43
CA PRO B 16 -9.09 -8.12 -7.91
C PRO B 16 -8.53 -9.50 -8.27
N GLU B 17 -9.15 -10.59 -7.82
CA GLU B 17 -8.70 -11.91 -8.23
C GLU B 17 -8.93 -12.17 -9.71
N GLY B 18 -9.73 -11.34 -10.38
CA GLY B 18 -9.91 -11.47 -11.81
C GLY B 18 -8.81 -10.89 -12.65
N ARG B 19 -7.93 -10.07 -12.05
CA ARG B 19 -6.81 -9.49 -12.77
C ARG B 19 -6.02 -10.58 -13.48
N THR B 20 -5.93 -10.46 -14.80
CA THR B 20 -5.24 -11.45 -15.61
C THR B 20 -4.47 -10.71 -16.70
N TYR B 21 -3.74 -11.47 -17.52
CA TYR B 21 -2.98 -10.85 -18.59
C TYR B 21 -2.72 -11.87 -19.69
N ALA B 22 -2.48 -11.36 -20.89
CA ALA B 22 -1.98 -12.14 -22.00
C ALA B 22 -0.94 -11.31 -22.73
N ASP B 23 -0.20 -11.94 -23.63
CA ASP B 23 0.80 -11.22 -24.39
C ASP B 23 0.71 -11.64 -25.85
N TYR B 24 1.23 -10.78 -26.72
CA TYR B 24 1.10 -10.94 -28.16
C TYR B 24 2.35 -10.43 -28.84
N GLU B 25 2.51 -10.78 -30.12
CA GLU B 25 3.68 -10.39 -30.87
C GLU B 25 3.63 -8.95 -31.37
N SER B 26 2.44 -8.38 -31.46
CA SER B 26 2.29 -7.03 -32.00
C SER B 26 1.10 -6.37 -31.32
N VAL B 27 1.03 -5.04 -31.49
CA VAL B 27 -0.15 -4.31 -31.05
C VAL B 27 -1.40 -4.85 -31.73
N ASN B 28 -1.27 -5.34 -32.97
CA ASN B 28 -2.45 -5.68 -33.75
C ASN B 28 -3.16 -6.91 -33.20
N GLU B 29 -2.44 -8.01 -33.00
CA GLU B 29 -3.11 -9.18 -32.46
C GLU B 29 -3.36 -9.07 -30.96
N CYS B 30 -2.81 -8.05 -30.32
CA CYS B 30 -3.31 -7.65 -29.00
C CYS B 30 -4.67 -6.99 -29.12
N MET B 31 -4.78 -6.00 -30.01
CA MET B 31 -6.08 -5.36 -30.27
C MET B 31 -7.09 -6.39 -30.74
N GLU B 32 -6.71 -7.28 -31.66
CA GLU B 32 -7.58 -8.39 -32.03
C GLU B 32 -7.85 -9.29 -30.84
N GLY B 33 -6.93 -9.35 -29.89
CA GLY B 33 -7.16 -10.14 -28.68
C GLY B 33 -8.31 -9.61 -27.87
N VAL B 34 -8.48 -8.29 -27.82
CA VAL B 34 -9.60 -7.70 -27.08
C VAL B 34 -10.92 -8.01 -27.78
N CYS B 35 -11.01 -7.72 -29.08
CA CYS B 35 -12.25 -8.03 -29.81
C CYS B 35 -12.58 -9.51 -29.72
N LYS B 36 -11.58 -10.38 -29.83
CA LYS B 36 -11.83 -11.81 -29.69
C LYS B 36 -12.34 -12.17 -28.30
N MET B 37 -12.01 -11.35 -27.30
CA MET B 37 -12.59 -11.54 -25.98
C MET B 37 -14.07 -11.17 -25.96
N TYR B 38 -14.43 -10.06 -26.63
CA TYR B 38 -15.83 -9.69 -26.74
C TYR B 38 -16.59 -10.62 -27.67
N GLU B 39 -15.92 -11.08 -28.73
CA GLU B 39 -16.61 -11.94 -29.69
C GLU B 39 -16.85 -13.33 -29.12
N GLU B 40 -15.88 -13.89 -28.40
CA GLU B 40 -16.11 -15.14 -27.70
C GLU B 40 -17.22 -14.99 -26.66
N HIS B 41 -17.39 -13.78 -26.12
CA HIS B 41 -18.48 -13.53 -25.18
C HIS B 41 -19.83 -13.58 -25.88
N LEU B 42 -19.91 -13.01 -27.09
CA LEU B 42 -21.16 -13.08 -27.86
C LEU B 42 -21.36 -14.46 -28.46
N LYS B 43 -20.29 -15.09 -28.96
CA LYS B 43 -20.38 -16.47 -29.41
C LYS B 43 -20.91 -17.38 -28.33
N ARG B 44 -20.60 -17.08 -27.06
CA ARG B 44 -21.06 -17.90 -25.95
C ARG B 44 -22.47 -17.51 -25.51
N MET B 45 -22.82 -16.23 -25.64
CA MET B 45 -24.18 -15.81 -25.31
C MET B 45 -25.18 -16.37 -26.30
N ASN B 46 -24.84 -16.37 -27.58
CA ASN B 46 -25.69 -16.86 -28.65
C ASN B 46 -24.95 -17.98 -29.37
N PRO B 47 -24.89 -19.17 -28.78
CA PRO B 47 -24.20 -20.28 -29.46
C PRO B 47 -24.91 -20.75 -30.71
N ASN B 48 -26.25 -20.81 -30.69
CA ASN B 48 -27.01 -21.30 -31.82
C ASN B 48 -27.11 -20.30 -32.96
N SER B 49 -26.56 -19.11 -32.81
CA SER B 49 -26.61 -18.11 -33.88
C SER B 49 -25.45 -18.34 -34.85
N PRO B 50 -25.70 -18.56 -36.14
CA PRO B 50 -24.59 -18.77 -37.08
C PRO B 50 -23.74 -17.52 -37.30
N SER B 51 -24.38 -16.36 -37.34
CA SER B 51 -23.68 -15.09 -37.54
C SER B 51 -24.18 -14.09 -36.51
N ILE B 52 -23.28 -13.54 -35.72
CA ILE B 52 -23.61 -12.58 -34.66
C ILE B 52 -23.06 -11.23 -35.09
N THR B 53 -23.94 -10.24 -35.17
CA THR B 53 -23.57 -8.90 -35.59
C THR B 53 -23.60 -7.96 -34.39
N TYR B 54 -22.61 -7.08 -34.31
CA TYR B 54 -22.57 -6.07 -33.26
C TYR B 54 -22.05 -4.76 -33.83
N ASP B 55 -22.62 -3.66 -33.35
CA ASP B 55 -22.05 -2.36 -33.62
C ASP B 55 -20.76 -2.20 -32.81
N ILE B 56 -19.83 -1.39 -33.35
CA ILE B 56 -18.59 -1.15 -32.63
C ILE B 56 -18.82 -0.41 -31.31
N SER B 57 -20.00 0.17 -31.13
CA SER B 57 -20.32 0.81 -29.85
C SER B 57 -20.59 -0.23 -28.76
N GLN B 58 -21.17 -1.37 -29.11
CA GLN B 58 -21.33 -2.44 -28.13
C GLN B 58 -20.00 -3.08 -27.77
N LEU B 59 -19.04 -3.04 -28.69
CA LEU B 59 -17.68 -3.46 -28.35
C LEU B 59 -17.07 -2.51 -27.32
N PHE B 60 -17.12 -1.20 -27.59
CA PHE B 60 -16.63 -0.23 -26.61
C PHE B 60 -17.44 -0.30 -25.33
N ASP B 61 -18.75 -0.57 -25.43
CA ASP B 61 -19.58 -0.72 -24.23
C ASP B 61 -19.04 -1.84 -23.35
N PHE B 62 -18.73 -2.99 -23.95
CA PHE B 62 -18.15 -4.10 -23.21
C PHE B 62 -16.83 -3.67 -22.56
N ILE B 63 -15.97 -3.00 -23.32
CA ILE B 63 -14.69 -2.54 -22.81
C ILE B 63 -14.90 -1.56 -21.65
N ASP B 64 -15.79 -0.59 -21.84
CA ASP B 64 -16.05 0.38 -20.79
C ASP B 64 -16.45 -0.30 -19.48
N ASP B 65 -17.18 -1.42 -19.59
CA ASP B 65 -17.66 -2.11 -18.40
C ASP B 65 -16.57 -2.95 -17.74
N LEU B 66 -15.52 -3.30 -18.46
CA LEU B 66 -14.36 -3.94 -17.82
C LEU B 66 -13.85 -3.04 -16.71
N ALA B 67 -13.51 -3.65 -15.57
CA ALA B 67 -13.02 -2.87 -14.44
C ALA B 67 -11.73 -2.15 -14.80
N ASP B 68 -10.83 -2.81 -15.52
CA ASP B 68 -9.57 -2.21 -15.93
C ASP B 68 -9.09 -2.88 -17.20
N LEU B 69 -8.58 -2.07 -18.13
CA LEU B 69 -7.94 -2.57 -19.34
C LEU B 69 -6.79 -1.65 -19.69
N SER B 70 -5.60 -2.22 -19.87
CA SER B 70 -4.43 -1.47 -20.29
C SER B 70 -3.51 -2.42 -21.04
N CYS B 71 -2.54 -1.83 -21.75
CA CYS B 71 -1.57 -2.62 -22.49
C CYS B 71 -0.18 -2.05 -22.27
N LEU B 72 0.82 -2.84 -22.66
CA LEU B 72 2.23 -2.44 -22.56
C LEU B 72 2.92 -2.83 -23.85
N VAL B 73 3.41 -1.84 -24.60
CA VAL B 73 3.97 -2.05 -25.93
C VAL B 73 5.48 -1.87 -25.87
N TYR B 74 6.20 -2.86 -26.40
CA TYR B 74 7.66 -2.87 -26.33
C TYR B 74 8.26 -1.83 -27.28
N ARG B 75 9.28 -1.12 -26.79
CA ARG B 75 10.03 -0.15 -27.57
C ARG B 75 11.48 -0.61 -27.61
N ALA B 76 11.93 -1.09 -28.77
CA ALA B 76 13.26 -1.69 -28.86
C ALA B 76 14.37 -0.67 -28.65
N ASP B 77 14.10 0.62 -28.91
CA ASP B 77 15.14 1.63 -28.74
C ASP B 77 15.50 1.82 -27.27
N THR B 78 14.51 1.75 -26.39
CA THR B 78 14.74 1.82 -24.95
C THR B 78 14.62 0.47 -24.27
N GLN B 79 14.09 -0.55 -24.97
CA GLN B 79 13.91 -1.89 -24.42
C GLN B 79 13.06 -1.87 -23.16
N THR B 80 11.95 -1.15 -23.23
CA THR B 80 10.99 -1.07 -22.12
C THR B 80 9.60 -1.36 -22.70
N TYR B 81 8.56 -0.98 -21.96
CA TYR B 81 7.18 -1.16 -22.39
C TYR B 81 6.42 0.14 -22.18
N GLN B 82 5.81 0.65 -23.24
CA GLN B 82 5.07 1.91 -23.06
C GLN B 82 3.63 1.60 -22.63
N PRO B 83 3.14 2.34 -21.62
CA PRO B 83 1.76 2.12 -21.18
C PRO B 83 0.75 2.97 -21.94
N TYR B 84 -0.34 2.31 -22.34
CA TYR B 84 -1.51 2.98 -22.89
C TYR B 84 -2.74 2.46 -22.16
N ASN B 85 -3.71 3.36 -21.94
CA ASN B 85 -4.88 3.04 -21.12
C ASN B 85 -5.99 2.43 -21.96
N LYS B 86 -7.19 2.35 -21.38
CA LYS B 86 -8.32 1.69 -22.05
C LYS B 86 -8.78 2.48 -23.26
N ASP B 87 -9.06 3.78 -23.07
CA ASP B 87 -9.57 4.59 -24.17
C ASP B 87 -8.61 4.60 -25.35
N TRP B 88 -7.31 4.52 -25.09
CA TRP B 88 -6.33 4.33 -26.16
C TRP B 88 -6.60 3.03 -26.91
N ILE B 89 -6.76 1.93 -26.17
CA ILE B 89 -6.97 0.62 -26.79
C ILE B 89 -8.23 0.63 -27.64
N LYS B 90 -9.28 1.31 -27.17
CA LYS B 90 -10.51 1.38 -27.96
C LYS B 90 -10.27 2.05 -29.29
N GLU B 91 -9.44 3.10 -29.32
CA GLU B 91 -9.15 3.79 -30.57
C GLU B 91 -8.39 2.90 -31.54
N LYS B 92 -7.36 2.20 -31.05
CA LYS B 92 -6.62 1.28 -31.93
C LYS B 92 -7.52 0.19 -32.47
N ILE B 93 -8.53 -0.23 -31.70
CA ILE B 93 -9.49 -1.21 -32.17
C ILE B 93 -10.43 -0.56 -33.20
N TYR B 94 -10.82 0.68 -32.96
CA TYR B 94 -11.56 1.43 -33.98
C TYR B 94 -10.75 1.54 -35.26
N VAL B 95 -9.47 1.91 -35.14
CA VAL B 95 -8.61 2.02 -36.31
C VAL B 95 -8.41 0.67 -36.97
N LEU B 96 -8.25 -0.39 -36.15
CA LEU B 96 -8.01 -1.72 -36.71
C LEU B 96 -9.24 -2.23 -37.45
N LEU B 97 -10.42 -2.13 -36.82
CA LEU B 97 -11.63 -2.65 -37.45
C LEU B 97 -12.01 -1.83 -38.69
N ARG B 98 -11.86 -0.51 -38.61
CA ARG B 98 -12.14 0.33 -39.77
C ARG B 98 -11.26 -0.08 -40.97
N ARG B 99 -9.97 -0.28 -40.72
CA ARG B 99 -9.08 -0.74 -41.78
C ARG B 99 -9.45 -2.14 -42.25
N GLN B 100 -9.88 -3.00 -41.32
CA GLN B 100 -10.31 -4.35 -41.69
C GLN B 100 -11.46 -4.33 -42.68
N ALA B 101 -12.35 -3.34 -42.57
CA ALA B 101 -13.52 -3.27 -43.44
C ALA B 101 -13.11 -3.11 -44.89
N GLN B 102 -12.27 -2.13 -45.18
CA GLN B 102 -11.80 -1.90 -46.54
C GLN B 102 -10.83 -2.99 -46.98
N SER B 136 -20.82 4.67 -38.90
CA SER B 136 -21.01 3.56 -37.99
C SER B 136 -20.52 2.25 -38.61
N LEU B 137 -19.65 1.54 -37.89
CA LEU B 137 -19.15 0.25 -38.34
C LEU B 137 -19.90 -0.86 -37.64
N LYS B 138 -20.29 -1.88 -38.42
CA LYS B 138 -21.02 -3.03 -37.91
C LYS B 138 -20.19 -4.26 -38.22
N VAL B 139 -19.82 -4.99 -37.18
CA VAL B 139 -19.06 -6.23 -37.31
C VAL B 139 -20.03 -7.38 -37.17
N THR B 140 -19.85 -8.41 -38.00
CA THR B 140 -20.63 -9.63 -37.90
C THR B 140 -19.69 -10.80 -37.68
N ILE B 141 -20.04 -11.67 -36.73
CA ILE B 141 -19.16 -12.73 -36.25
C ILE B 141 -19.62 -14.03 -36.90
N LEU B 142 -18.98 -14.39 -38.02
CA LEU B 142 -19.30 -15.64 -38.70
C LEU B 142 -18.55 -16.78 -38.01
N GLN B 143 -19.25 -17.48 -37.11
CA GLN B 143 -18.62 -18.56 -36.36
C GLN B 143 -18.14 -19.69 -37.27
N SER B 144 -18.79 -19.85 -38.43
CA SER B 144 -18.49 -20.98 -39.31
C SER B 144 -17.04 -20.94 -39.79
N SER B 145 -16.44 -19.77 -39.86
CA SER B 145 -15.10 -19.60 -40.41
C SER B 145 -14.09 -19.00 -39.43
N ASP B 146 -14.51 -18.62 -38.22
CA ASP B 146 -13.65 -17.87 -37.29
C ASP B 146 -13.16 -16.58 -37.95
N SER B 147 -14.01 -15.99 -38.78
CA SER B 147 -13.67 -14.83 -39.58
C SER B 147 -14.62 -13.69 -39.26
N ARG B 148 -14.43 -12.56 -39.95
CA ARG B 148 -15.19 -11.36 -39.70
C ARG B 148 -15.74 -10.80 -41.01
N ALA B 149 -16.79 -9.99 -40.89
CA ALA B 149 -17.34 -9.25 -42.01
C ALA B 149 -17.94 -7.95 -41.48
N PHE B 150 -18.11 -6.97 -42.38
CA PHE B 150 -18.38 -5.60 -41.97
C PHE B 150 -19.49 -4.99 -42.81
N SER B 151 -19.94 -3.81 -42.37
CA SER B 151 -21.03 -3.07 -42.99
C SER B 151 -20.95 -1.62 -42.53
N THR B 152 -21.61 -0.74 -43.30
CA THR B 152 -21.71 0.68 -42.94
C THR B 152 -23.09 1.23 -43.29
N MET C 3 -5.84 5.01 35.19
CA MET C 3 -5.96 4.25 33.95
C MET C 3 -6.79 5.00 32.91
N SER C 4 -6.15 5.90 32.18
CA SER C 4 -6.78 6.65 31.11
C SER C 4 -6.15 6.25 29.77
N HIS C 5 -6.97 6.14 28.74
CA HIS C 5 -6.43 5.86 27.41
C HIS C 5 -5.60 7.04 26.95
N THR C 6 -4.37 6.77 26.53
CA THR C 6 -3.42 7.83 26.20
C THR C 6 -2.72 7.51 24.88
N ILE C 7 -2.73 8.48 23.97
CA ILE C 7 -2.05 8.38 22.68
C ILE C 7 -0.81 9.27 22.73
N LEU C 8 0.27 8.80 22.13
CA LEU C 8 1.54 9.52 22.10
C LEU C 8 1.83 10.01 20.69
N LEU C 9 2.27 11.26 20.57
CA LEU C 9 2.66 11.85 19.29
C LEU C 9 4.13 12.24 19.37
N VAL C 10 4.95 11.63 18.53
CA VAL C 10 6.40 11.84 18.56
C VAL C 10 6.89 12.27 17.18
N GLN C 11 7.86 13.17 17.13
CA GLN C 11 8.50 13.56 15.90
C GLN C 11 9.92 13.86 16.29
N PRO C 12 10.80 12.85 16.20
CA PRO C 12 12.19 13.00 16.60
C PRO C 12 13.02 14.00 15.83
N THR C 13 12.93 14.02 14.52
CA THR C 13 13.75 14.94 13.77
C THR C 13 12.94 16.03 13.20
N LYS C 14 13.61 16.92 12.51
CA LYS C 14 12.81 17.92 11.81
C LYS C 14 12.07 17.31 10.63
N ARG C 15 12.53 16.15 10.15
CA ARG C 15 11.90 15.42 9.06
C ARG C 15 10.48 15.04 9.46
N PRO C 16 9.45 15.67 8.87
CA PRO C 16 8.07 15.33 9.23
C PRO C 16 7.67 13.91 8.85
N GLU C 17 8.52 13.20 8.10
CA GLU C 17 8.23 11.81 7.77
C GLU C 17 8.27 10.94 9.02
N GLY C 18 9.08 11.31 10.00
CA GLY C 18 9.25 10.56 11.23
C GLY C 18 8.09 10.63 12.20
N ARG C 19 7.06 11.44 11.92
CA ARG C 19 5.88 11.49 12.78
C ARG C 19 5.30 10.09 12.95
N THR C 20 4.86 9.79 14.18
CA THR C 20 4.32 8.48 14.48
C THR C 20 3.56 8.56 15.78
N TYR C 21 2.71 7.56 16.02
CA TYR C 21 1.89 7.54 17.23
C TYR C 21 1.94 6.16 17.88
N ALA C 22 1.58 6.14 19.15
CA ALA C 22 1.37 4.91 19.90
C ALA C 22 0.23 5.14 20.87
N ASP C 23 -0.46 4.06 21.23
CA ASP C 23 -1.55 4.13 22.19
C ASP C 23 -1.28 3.20 23.36
N TYR C 24 -1.77 3.59 24.53
CA TYR C 24 -1.62 2.82 25.75
C TYR C 24 -2.91 2.88 26.54
N GLU C 25 -3.07 1.92 27.45
CA GLU C 25 -4.26 1.88 28.29
C GLU C 25 -4.16 2.77 29.53
N SER C 26 -2.95 3.07 29.98
CA SER C 26 -2.72 3.90 31.14
C SER C 26 -1.91 5.12 30.77
N VAL C 27 -1.85 6.07 31.70
CA VAL C 27 -0.85 7.13 31.60
C VAL C 27 0.53 6.58 31.98
N ASN C 28 0.60 5.82 33.07
CA ASN C 28 1.86 5.28 33.53
C ASN C 28 2.49 4.36 32.48
N GLU C 29 1.70 3.43 31.94
CA GLU C 29 2.24 2.55 30.90
C GLU C 29 2.61 3.33 29.65
N CYS C 30 1.96 4.48 29.41
CA CYS C 30 2.40 5.39 28.36
C CYS C 30 3.70 6.10 28.74
N MET C 31 3.88 6.41 30.03
CA MET C 31 5.11 7.05 30.47
C MET C 31 6.27 6.06 30.46
N GLU C 32 6.01 4.82 30.88
CA GLU C 32 7.01 3.77 30.72
C GLU C 32 7.30 3.48 29.26
N GLY C 33 6.41 3.89 28.36
CA GLY C 33 6.68 3.75 26.93
C GLY C 33 7.71 4.73 26.44
N VAL C 34 7.72 5.95 26.99
CA VAL C 34 8.73 6.92 26.63
C VAL C 34 10.10 6.50 27.16
N CYS C 35 10.16 6.08 28.43
CA CYS C 35 11.40 5.58 28.99
C CYS C 35 11.92 4.38 28.22
N LYS C 36 11.03 3.42 27.91
CA LYS C 36 11.44 2.28 27.10
C LYS C 36 11.85 2.71 25.70
N MET C 37 11.34 3.85 25.23
CA MET C 37 11.82 4.39 23.96
C MET C 37 13.27 4.84 24.07
N TYR C 38 13.66 5.31 25.24
CA TYR C 38 15.03 5.76 25.48
C TYR C 38 15.94 4.61 25.92
N GLU C 39 15.43 3.70 26.76
CA GLU C 39 16.18 2.51 27.13
C GLU C 39 16.44 1.64 25.90
N GLU C 40 15.43 1.49 25.04
CA GLU C 40 15.63 0.96 23.69
C GLU C 40 16.86 1.57 23.05
N HIS C 41 17.00 2.89 23.16
CA HIS C 41 18.07 3.61 22.46
C HIS C 41 19.42 3.35 23.10
N LEU C 42 19.47 3.25 24.44
CA LEU C 42 20.71 2.88 25.11
C LEU C 42 21.09 1.44 24.80
N LYS C 43 20.10 0.54 24.82
CA LYS C 43 20.37 -0.88 24.56
C LYS C 43 20.93 -1.08 23.15
N ARG C 44 20.40 -0.35 22.17
CA ARG C 44 20.93 -0.45 20.82
C ARG C 44 22.32 0.16 20.73
N MET C 45 22.57 1.24 21.48
CA MET C 45 23.85 1.92 21.42
C MET C 45 24.95 1.13 22.11
N ASN C 46 24.62 0.39 23.18
CA ASN C 46 25.58 -0.38 23.96
C ASN C 46 25.23 -1.87 23.91
N PRO C 47 25.23 -2.47 22.71
CA PRO C 47 24.68 -3.83 22.57
C PRO C 47 25.50 -4.91 23.27
N ASN C 48 26.60 -4.55 23.92
CA ASN C 48 27.40 -5.50 24.68
C ASN C 48 27.29 -5.32 26.18
N SER C 49 26.66 -4.24 26.64
CA SER C 49 26.46 -4.02 28.07
C SER C 49 25.35 -4.92 28.59
N PRO C 50 25.62 -5.76 29.60
CA PRO C 50 24.52 -6.52 30.20
C PRO C 50 23.56 -5.65 30.99
N SER C 51 24.07 -4.60 31.64
CA SER C 51 23.25 -3.71 32.46
C SER C 51 23.67 -2.27 32.19
N ILE C 52 22.82 -1.53 31.49
CA ILE C 52 23.01 -0.10 31.22
C ILE C 52 22.19 0.68 32.23
N THR C 53 22.82 1.65 32.89
CA THR C 53 22.13 2.45 33.89
C THR C 53 22.33 3.93 33.55
N TYR C 54 21.24 4.66 33.43
CA TYR C 54 21.28 6.07 33.05
C TYR C 54 20.80 6.97 34.18
N ASP C 55 21.34 8.18 34.22
CA ASP C 55 20.86 9.18 35.18
C ASP C 55 19.59 9.83 34.64
N ILE C 56 18.72 10.26 35.56
CA ILE C 56 17.44 10.86 35.18
C ILE C 56 17.64 12.04 34.24
N SER C 57 18.78 12.73 34.37
CA SER C 57 19.07 13.85 33.48
C SER C 57 19.23 13.39 32.03
N GLN C 58 19.75 12.18 31.82
CA GLN C 58 20.04 11.73 30.46
C GLN C 58 18.75 11.44 29.70
N LEU C 59 17.76 10.86 30.37
CA LEU C 59 16.48 10.57 29.71
C LEU C 59 15.76 11.87 29.35
N PHE C 60 15.84 12.89 30.21
CA PHE C 60 15.20 14.16 29.92
C PHE C 60 15.86 14.88 28.75
N ASP C 61 17.17 14.73 28.59
CA ASP C 61 17.84 15.36 27.45
C ASP C 61 17.55 14.62 26.14
N PHE C 62 17.38 13.30 26.21
CA PHE C 62 16.92 12.56 25.04
C PHE C 62 15.57 13.08 24.58
N ILE C 63 14.65 13.30 25.52
CA ILE C 63 13.32 13.77 25.17
C ILE C 63 13.36 15.19 24.62
N ASP C 64 14.26 16.04 25.16
CA ASP C 64 14.26 17.45 24.79
C ASP C 64 14.62 17.63 23.32
N ASP C 65 15.57 16.85 22.81
CA ASP C 65 15.97 17.04 21.42
C ASP C 65 15.01 16.38 20.42
N LEU C 66 14.05 15.60 20.89
CA LEU C 66 12.95 15.18 20.03
C LEU C 66 12.22 16.43 19.54
N ALA C 67 12.12 16.59 18.22
CA ALA C 67 11.55 17.82 17.67
C ALA C 67 10.16 18.09 18.20
N ASP C 68 9.42 17.04 18.59
CA ASP C 68 8.11 17.23 19.22
C ASP C 68 7.72 15.96 19.95
N LEU C 69 7.11 16.14 21.12
CA LEU C 69 6.58 15.03 21.89
C LEU C 69 5.37 15.54 22.66
N SER C 70 4.29 14.76 22.64
CA SER C 70 3.04 15.14 23.26
C SER C 70 2.18 13.90 23.40
N CYS C 71 1.26 13.94 24.37
CA CYS C 71 0.31 12.85 24.56
C CYS C 71 -1.10 13.39 24.57
N LEU C 72 -2.07 12.47 24.60
CA LEU C 72 -3.49 12.79 24.61
C LEU C 72 -4.18 11.82 25.55
N VAL C 73 -4.57 12.31 26.73
CA VAL C 73 -5.08 11.47 27.81
C VAL C 73 -6.61 11.54 27.82
N TYR C 74 -7.25 10.38 27.95
CA TYR C 74 -8.70 10.30 27.84
C TYR C 74 -9.39 10.73 29.13
N ARG C 75 -10.31 11.68 29.00
CA ARG C 75 -11.14 12.16 30.12
C ARG C 75 -12.49 11.48 30.00
N ALA C 76 -12.76 10.51 30.86
CA ALA C 76 -14.04 9.81 30.81
C ALA C 76 -15.21 10.70 31.22
N ASP C 77 -14.95 11.85 31.84
CA ASP C 77 -16.05 12.73 32.22
C ASP C 77 -16.59 13.51 31.04
N THR C 78 -15.71 13.95 30.13
CA THR C 78 -16.13 14.64 28.92
C THR C 78 -16.01 13.77 27.67
N GLN C 79 -15.56 12.52 27.82
CA GLN C 79 -15.38 11.60 26.69
C GLN C 79 -14.53 12.22 25.59
N THR C 80 -13.44 12.87 25.99
CA THR C 80 -12.53 13.52 25.06
C THR C 80 -11.10 13.27 25.54
N TYR C 81 -10.14 13.67 24.71
CA TYR C 81 -8.72 13.48 24.98
C TYR C 81 -8.07 14.79 25.39
N GLN C 82 -7.26 14.74 26.45
CA GLN C 82 -6.63 15.94 26.99
C GLN C 82 -5.21 16.07 26.43
N PRO C 83 -4.87 17.18 25.80
CA PRO C 83 -3.50 17.34 25.27
C PRO C 83 -2.52 17.71 26.36
N TYR C 84 -1.33 17.11 26.29
CA TYR C 84 -0.26 17.38 27.24
C TYR C 84 1.07 17.45 26.49
N ASN C 85 1.87 18.46 26.80
CA ASN C 85 3.07 18.74 26.02
C ASN C 85 4.28 18.00 26.58
N LYS C 86 5.46 18.29 26.02
CA LYS C 86 6.67 17.57 26.38
C LYS C 86 7.05 17.80 27.84
N ASP C 87 6.82 19.03 28.34
CA ASP C 87 7.13 19.33 29.73
C ASP C 87 6.31 18.47 30.68
N TRP C 88 4.99 18.45 30.48
CA TRP C 88 4.11 17.64 31.33
C TRP C 88 4.54 16.18 31.32
N ILE C 89 4.88 15.64 30.14
CA ILE C 89 5.34 14.25 30.05
C ILE C 89 6.58 14.05 30.89
N LYS C 90 7.53 14.99 30.81
CA LYS C 90 8.76 14.88 31.58
C LYS C 90 8.49 14.83 33.07
N GLU C 91 7.69 15.78 33.57
CA GLU C 91 7.42 15.84 35.01
C GLU C 91 6.64 14.61 35.48
N LYS C 92 5.85 13.99 34.60
CA LYS C 92 5.14 12.78 34.97
C LYS C 92 6.08 11.57 35.00
N ILE C 93 7.09 11.55 34.13
CA ILE C 93 8.10 10.50 34.19
C ILE C 93 8.85 10.58 35.51
N TYR C 94 9.19 11.79 35.94
CA TYR C 94 9.92 11.94 37.19
C TYR C 94 9.11 11.41 38.36
N VAL C 95 7.88 11.90 38.53
CA VAL C 95 7.06 11.45 39.65
C VAL C 95 6.80 9.94 39.58
N LEU C 96 6.80 9.37 38.38
CA LEU C 96 6.66 7.93 38.27
C LEU C 96 7.96 7.23 38.61
N LEU C 97 9.08 7.69 38.04
CA LEU C 97 10.36 7.03 38.25
C LEU C 97 10.85 7.16 39.69
N ARG C 98 10.37 8.13 40.45
CA ARG C 98 10.72 8.19 41.87
C ARG C 98 9.77 7.36 42.72
N ARG C 99 8.46 7.42 42.41
CA ARG C 99 7.49 6.66 43.19
C ARG C 99 7.78 5.17 43.16
N GLN C 100 8.31 4.67 42.03
CA GLN C 100 8.61 3.25 41.92
C GLN C 100 9.76 2.84 42.84
N ALA C 101 10.66 3.78 43.17
CA ALA C 101 11.71 3.47 44.13
C ALA C 101 11.13 3.21 45.52
N GLN C 102 10.08 3.94 45.89
CA GLN C 102 9.45 3.78 47.19
C GLN C 102 8.53 2.56 47.22
N SER C 136 21.22 12.38 41.71
CA SER C 136 19.77 12.35 41.61
C SER C 136 19.22 10.93 41.55
N LEU C 137 18.64 10.56 40.41
CA LEU C 137 17.93 9.29 40.26
C LEU C 137 18.57 8.50 39.12
N LYS C 138 19.48 7.58 39.46
CA LYS C 138 20.00 6.63 38.48
C LYS C 138 18.96 5.54 38.23
N VAL C 139 18.93 5.02 37.00
CA VAL C 139 17.99 3.99 36.59
C VAL C 139 18.75 2.86 35.90
N THR C 140 18.60 1.64 36.42
CA THR C 140 19.33 0.47 35.93
C THR C 140 18.44 -0.37 35.01
N ILE C 141 18.93 -0.63 33.79
CA ILE C 141 18.23 -1.44 32.80
C ILE C 141 19.14 -2.60 32.41
N LEU C 142 18.67 -3.82 32.65
CA LEU C 142 19.31 -4.99 32.06
C LEU C 142 18.76 -5.23 30.65
N GLN C 143 19.61 -5.73 29.77
CA GLN C 143 19.21 -6.02 28.40
C GLN C 143 18.49 -7.35 28.26
N SER C 144 17.90 -7.84 29.35
CA SER C 144 17.03 -9.01 29.32
C SER C 144 15.56 -8.67 29.59
N SER C 145 15.28 -7.51 30.16
CA SER C 145 13.95 -7.18 30.65
C SER C 145 13.56 -5.77 30.25
N ASP C 146 12.25 -5.52 30.28
CA ASP C 146 11.70 -4.17 30.20
C ASP C 146 11.39 -3.60 31.58
N SER C 147 11.79 -4.29 32.64
CA SER C 147 11.59 -3.85 34.02
C SER C 147 12.88 -3.25 34.56
N ARG C 148 12.76 -2.13 35.27
CA ARG C 148 13.90 -1.34 35.70
C ARG C 148 14.20 -1.57 37.18
N ALA C 149 15.48 -1.46 37.52
CA ALA C 149 15.94 -1.29 38.89
C ALA C 149 16.34 0.16 39.10
N PHE C 150 16.26 0.60 40.37
CA PHE C 150 16.44 2.01 40.69
C PHE C 150 17.56 2.18 41.72
N SER C 151 18.38 3.20 41.51
CA SER C 151 19.47 3.56 42.40
C SER C 151 19.20 4.93 43.03
N THR C 152 19.96 5.22 44.09
CA THR C 152 19.90 6.46 44.88
C THR C 152 18.56 7.19 44.84
N MET D 3 -13.88 26.68 12.43
CA MET D 3 -12.87 25.63 12.25
C MET D 3 -12.22 25.28 13.58
N SER D 4 -11.48 24.17 13.59
CA SER D 4 -10.90 23.66 14.83
C SER D 4 -9.72 22.77 14.50
N HIS D 5 -8.62 22.94 15.24
CA HIS D 5 -7.41 22.14 15.01
C HIS D 5 -7.72 20.66 15.07
N THR D 6 -7.36 19.96 14.00
CA THR D 6 -7.66 18.53 13.84
C THR D 6 -6.37 17.74 13.78
N ILE D 7 -6.39 16.53 14.34
CA ILE D 7 -5.26 15.61 14.29
C ILE D 7 -5.73 14.32 13.62
N LEU D 8 -4.93 13.82 12.68
CA LEU D 8 -5.26 12.65 11.88
C LEU D 8 -4.26 11.55 12.19
N LEU D 9 -4.77 10.38 12.59
CA LEU D 9 -3.92 9.24 12.99
C LEU D 9 -4.10 8.13 11.96
N VAL D 10 -3.08 7.91 11.13
CA VAL D 10 -3.15 6.97 10.01
C VAL D 10 -2.23 5.79 10.28
N GLN D 11 -2.71 4.60 9.96
CA GLN D 11 -1.87 3.40 9.93
C GLN D 11 -2.24 2.61 8.69
N PRO D 12 -1.47 2.78 7.59
CA PRO D 12 -1.88 2.17 6.32
C PRO D 12 -1.80 0.64 6.29
N THR D 13 -1.01 0.02 7.16
CA THR D 13 -0.89 -1.45 7.17
C THR D 13 -0.93 -1.95 8.60
N LYS D 14 -0.93 -3.28 8.75
CA LYS D 14 -0.86 -3.88 10.09
C LYS D 14 0.50 -3.65 10.74
N ARG D 15 1.55 -3.41 9.95
CA ARG D 15 2.89 -3.12 10.47
C ARG D 15 2.83 -1.86 11.34
N PRO D 16 2.97 -2.00 12.66
CA PRO D 16 2.77 -0.85 13.55
C PRO D 16 3.90 0.15 13.53
N GLU D 17 4.87 0.02 12.65
CA GLU D 17 5.87 1.07 12.47
C GLU D 17 5.43 2.11 11.45
N GLY D 18 4.53 1.75 10.54
CA GLY D 18 3.96 2.71 9.63
C GLY D 18 2.95 3.66 10.22
N ARG D 19 2.71 3.60 11.53
CA ARG D 19 1.82 4.57 12.17
C ARG D 19 2.42 5.97 12.06
N THR D 20 1.56 6.93 11.69
CA THR D 20 1.98 8.32 11.53
C THR D 20 0.80 9.21 11.90
N TYR D 21 1.08 10.52 12.01
CA TYR D 21 0.03 11.48 12.34
C TYR D 21 0.27 12.79 11.61
N ALA D 22 -0.83 13.54 11.44
CA ALA D 22 -0.81 14.86 10.83
C ALA D 22 -1.83 15.74 11.52
N ASP D 23 -1.60 17.05 11.48
CA ASP D 23 -2.47 18.02 12.14
C ASP D 23 -2.85 19.12 11.15
N TYR D 24 -4.07 19.63 11.27
CA TYR D 24 -4.64 20.53 10.27
C TYR D 24 -5.33 21.72 10.95
N GLU D 25 -5.52 22.77 10.15
CA GLU D 25 -6.20 23.97 10.63
C GLU D 25 -7.67 23.70 10.97
N SER D 26 -8.30 22.79 10.24
CA SER D 26 -9.75 22.70 10.21
C SER D 26 -10.17 21.24 10.21
N VAL D 27 -11.47 21.03 10.47
CA VAL D 27 -12.02 19.69 10.26
C VAL D 27 -12.08 19.37 8.78
N ASN D 28 -12.18 20.40 7.93
CA ASN D 28 -12.35 20.17 6.50
C ASN D 28 -11.01 19.96 5.80
N GLU D 29 -10.05 20.87 6.01
CA GLU D 29 -8.74 20.67 5.39
C GLU D 29 -8.03 19.42 5.92
N CYS D 30 -8.50 18.88 7.05
CA CYS D 30 -8.08 17.54 7.44
C CYS D 30 -8.72 16.49 6.53
N MET D 31 -10.03 16.56 6.35
CA MET D 31 -10.69 15.71 5.36
C MET D 31 -10.12 15.92 3.96
N GLU D 32 -9.68 17.14 3.65
CA GLU D 32 -8.98 17.37 2.40
C GLU D 32 -7.67 16.59 2.35
N GLY D 33 -6.91 16.61 3.45
CA GLY D 33 -5.69 15.83 3.52
C GLY D 33 -5.93 14.34 3.38
N VAL D 34 -7.06 13.85 3.89
CA VAL D 34 -7.38 12.42 3.74
C VAL D 34 -7.57 12.09 2.28
N CYS D 35 -8.13 13.02 1.50
CA CYS D 35 -8.34 12.77 0.07
C CYS D 35 -7.02 12.91 -0.70
N LYS D 36 -6.27 13.97 -0.46
CA LYS D 36 -4.94 14.10 -1.06
C LYS D 36 -4.07 12.90 -0.72
N MET D 37 -4.33 12.24 0.41
CA MET D 37 -3.62 11.00 0.73
C MET D 37 -3.98 9.90 -0.27
N TYR D 38 -5.26 9.80 -0.63
CA TYR D 38 -5.68 8.81 -1.61
C TYR D 38 -5.37 9.27 -3.02
N GLU D 39 -5.49 10.57 -3.29
CA GLU D 39 -5.23 11.08 -4.63
C GLU D 39 -3.76 10.99 -4.98
N GLU D 40 -2.88 11.46 -4.08
CA GLU D 40 -1.46 11.31 -4.32
C GLU D 40 -1.06 9.83 -4.40
N HIS D 41 -1.79 8.96 -3.70
CA HIS D 41 -1.61 7.53 -3.90
C HIS D 41 -2.01 7.11 -5.31
N LEU D 42 -3.15 7.64 -5.80
CA LEU D 42 -3.59 7.33 -7.15
C LEU D 42 -2.63 7.86 -8.19
N LYS D 43 -1.93 8.96 -7.89
CA LYS D 43 -0.93 9.46 -8.82
C LYS D 43 0.25 8.51 -8.91
N ARG D 44 0.67 7.93 -7.79
CA ARG D 44 1.75 6.93 -7.83
C ARG D 44 1.32 5.69 -8.59
N MET D 45 0.04 5.31 -8.50
CA MET D 45 -0.43 4.08 -9.12
C MET D 45 -0.75 4.24 -10.61
N ASN D 46 -0.86 5.47 -11.09
CA ASN D 46 -1.08 5.74 -12.52
C ASN D 46 -0.22 6.92 -12.94
N PRO D 47 1.11 6.77 -12.89
CA PRO D 47 1.98 7.93 -13.14
C PRO D 47 2.07 8.31 -14.61
N ASN D 48 1.68 7.42 -15.52
CA ASN D 48 1.58 7.78 -16.93
C ASN D 48 0.40 8.71 -17.19
N SER D 49 -0.56 8.75 -16.27
CA SER D 49 -1.80 9.48 -16.49
C SER D 49 -1.59 10.98 -16.26
N PRO D 50 -1.87 11.84 -17.25
CA PRO D 50 -1.95 13.28 -16.93
C PRO D 50 -3.19 13.62 -16.13
N SER D 51 -4.26 12.84 -16.27
CA SER D 51 -5.46 12.99 -15.47
C SER D 51 -5.92 11.62 -15.00
N ILE D 52 -6.32 11.53 -13.74
CA ILE D 52 -6.84 10.30 -13.15
C ILE D 52 -8.24 10.58 -12.63
N THR D 53 -9.15 9.66 -12.89
CA THR D 53 -10.53 9.77 -12.45
C THR D 53 -10.88 8.61 -11.53
N TYR D 54 -11.60 8.90 -10.45
CA TYR D 54 -11.98 7.87 -9.50
C TYR D 54 -13.39 8.13 -8.98
N ASP D 55 -14.07 7.03 -8.66
CA ASP D 55 -15.35 7.08 -7.99
C ASP D 55 -15.11 7.20 -6.48
N ILE D 56 -15.95 7.98 -5.81
CA ILE D 56 -15.89 8.08 -4.37
C ILE D 56 -16.09 6.73 -3.68
N SER D 57 -16.65 5.76 -4.41
CA SER D 57 -16.59 4.37 -3.96
C SER D 57 -15.16 3.91 -3.73
N GLN D 58 -14.28 4.18 -4.69
CA GLN D 58 -12.91 3.70 -4.58
C GLN D 58 -12.14 4.43 -3.49
N LEU D 59 -12.50 5.69 -3.23
CA LEU D 59 -11.90 6.41 -2.11
C LEU D 59 -12.37 5.83 -0.79
N PHE D 60 -13.68 5.58 -0.65
CA PHE D 60 -14.23 5.02 0.58
C PHE D 60 -13.67 3.64 0.87
N ASP D 61 -13.42 2.84 -0.17
CA ASP D 61 -12.88 1.50 0.05
C ASP D 61 -11.37 1.53 0.25
N PHE D 62 -10.68 2.52 -0.33
CA PHE D 62 -9.27 2.71 0.01
C PHE D 62 -9.10 3.00 1.50
N ILE D 63 -9.96 3.85 2.05
CA ILE D 63 -9.89 4.15 3.48
C ILE D 63 -10.30 2.92 4.29
N ASP D 64 -11.19 2.08 3.75
CA ASP D 64 -11.53 0.83 4.43
C ASP D 64 -10.32 -0.06 4.58
N ASP D 65 -9.38 0.00 3.63
CA ASP D 65 -8.20 -0.87 3.66
C ASP D 65 -7.16 -0.44 4.69
N LEU D 66 -7.19 0.83 5.11
CA LEU D 66 -6.27 1.28 6.15
C LEU D 66 -6.54 0.53 7.44
N ALA D 67 -5.46 0.04 8.07
CA ALA D 67 -5.60 -0.71 9.32
C ALA D 67 -6.34 0.12 10.36
N ASP D 68 -5.87 1.34 10.63
CA ASP D 68 -6.57 2.25 11.52
C ASP D 68 -6.40 3.67 11.01
N LEU D 69 -7.52 4.38 10.92
CA LEU D 69 -7.51 5.82 10.65
C LEU D 69 -8.49 6.47 11.61
N SER D 70 -8.06 7.55 12.26
CA SER D 70 -8.89 8.24 13.24
C SER D 70 -8.67 9.74 13.11
N CYS D 71 -9.40 10.51 13.92
CA CYS D 71 -9.47 11.95 13.79
C CYS D 71 -9.70 12.55 15.17
N LEU D 72 -9.08 13.69 15.44
CA LEU D 72 -9.18 14.35 16.74
C LEU D 72 -9.45 15.84 16.52
N VAL D 73 -10.68 16.26 16.81
CA VAL D 73 -11.12 17.64 16.59
C VAL D 73 -11.08 18.39 17.91
N TYR D 74 -10.42 19.55 17.91
CA TYR D 74 -10.27 20.36 19.12
C TYR D 74 -11.54 21.15 19.38
N ARG D 75 -12.02 21.12 20.62
CA ARG D 75 -13.17 21.90 21.04
C ARG D 75 -12.69 22.99 22.00
N ALA D 76 -12.92 24.25 21.62
CA ALA D 76 -12.50 25.35 22.48
C ALA D 76 -13.30 25.44 23.77
N ASP D 77 -14.41 24.70 23.90
CA ASP D 77 -15.22 24.75 25.11
C ASP D 77 -14.64 23.92 26.24
N THR D 78 -13.80 22.94 25.93
CA THR D 78 -13.10 22.14 26.93
C THR D 78 -11.59 22.10 26.75
N GLN D 79 -11.08 22.56 25.61
CA GLN D 79 -9.66 22.52 25.29
C GLN D 79 -9.11 21.10 25.36
N THR D 80 -9.97 20.14 25.02
CA THR D 80 -9.66 18.74 24.80
C THR D 80 -9.86 18.42 23.31
N TYR D 81 -9.85 17.14 22.97
CA TYR D 81 -9.90 16.73 21.56
C TYR D 81 -10.96 15.67 21.34
N GLN D 82 -11.79 15.87 20.32
CA GLN D 82 -12.90 14.96 20.02
C GLN D 82 -12.42 13.78 19.21
N PRO D 83 -12.59 12.54 19.66
CA PRO D 83 -12.32 11.39 18.80
C PRO D 83 -13.43 11.18 17.79
N TYR D 84 -13.03 10.79 16.58
CA TYR D 84 -13.95 10.44 15.51
C TYR D 84 -13.35 9.30 14.71
N ASN D 85 -14.11 8.23 14.53
CA ASN D 85 -13.60 7.03 13.90
C ASN D 85 -13.60 7.17 12.38
N LYS D 86 -13.28 6.06 11.69
CA LYS D 86 -13.15 6.09 10.24
C LYS D 86 -14.49 6.36 9.55
N ASP D 87 -15.57 5.77 10.07
CA ASP D 87 -16.89 6.00 9.49
C ASP D 87 -17.23 7.47 9.46
N TRP D 88 -16.96 8.18 10.56
CA TRP D 88 -17.23 9.61 10.63
C TRP D 88 -16.44 10.37 9.56
N ILE D 89 -15.19 9.96 9.33
CA ILE D 89 -14.36 10.62 8.33
C ILE D 89 -14.93 10.41 6.94
N LYS D 90 -15.32 9.16 6.62
CA LYS D 90 -15.90 8.88 5.31
C LYS D 90 -17.13 9.74 5.06
N GLU D 91 -17.94 9.96 6.10
CA GLU D 91 -19.14 10.78 5.94
C GLU D 91 -18.79 12.24 5.74
N LYS D 92 -17.84 12.76 6.51
CA LYS D 92 -17.44 14.16 6.34
C LYS D 92 -16.82 14.39 4.97
N ILE D 93 -16.16 13.38 4.41
CA ILE D 93 -15.61 13.49 3.06
C ILE D 93 -16.74 13.44 2.04
N TYR D 94 -17.68 12.51 2.22
CA TYR D 94 -18.85 12.42 1.35
C TYR D 94 -19.57 13.75 1.23
N VAL D 95 -19.64 14.50 2.34
CA VAL D 95 -20.29 15.81 2.30
C VAL D 95 -19.36 16.87 1.73
N LEU D 96 -18.07 16.80 2.06
CA LEU D 96 -17.12 17.79 1.56
C LEU D 96 -16.98 17.71 0.05
N LEU D 97 -16.69 16.52 -0.47
CA LEU D 97 -16.43 16.38 -1.91
C LEU D 97 -17.66 16.75 -2.74
N ARG D 98 -18.85 16.38 -2.29
CA ARG D 98 -20.05 16.68 -3.07
C ARG D 98 -20.39 18.16 -3.03
N ARG D 99 -20.10 18.84 -1.91
CA ARG D 99 -20.35 20.28 -1.85
C ARG D 99 -19.45 21.05 -2.81
N GLN D 100 -18.22 20.57 -3.02
CA GLN D 100 -17.33 21.18 -3.99
C GLN D 100 -17.77 20.94 -5.42
N ALA D 101 -18.69 20.01 -5.66
CA ALA D 101 -19.17 19.71 -7.00
C ALA D 101 -20.10 20.79 -7.55
N GLN D 102 -20.37 21.85 -6.80
CA GLN D 102 -21.14 22.97 -7.32
C GLN D 102 -20.43 24.29 -7.03
N SER D 136 -23.51 7.94 -9.23
CA SER D 136 -22.41 8.07 -8.30
C SER D 136 -21.54 9.29 -8.60
N LEU D 137 -20.75 9.69 -7.62
CA LEU D 137 -19.83 10.81 -7.76
C LEU D 137 -18.53 10.33 -8.37
N LYS D 138 -17.99 11.11 -9.30
CA LYS D 138 -16.73 10.78 -9.98
C LYS D 138 -15.79 11.96 -9.91
N VAL D 139 -14.67 11.79 -9.21
CA VAL D 139 -13.64 12.83 -9.10
C VAL D 139 -12.58 12.59 -10.16
N THR D 140 -12.01 13.68 -10.67
CA THR D 140 -10.94 13.63 -11.66
C THR D 140 -9.86 14.60 -11.25
N ILE D 141 -8.63 14.10 -11.10
CA ILE D 141 -7.49 14.92 -10.73
C ILE D 141 -6.47 14.88 -11.86
N LEU D 142 -5.83 16.02 -12.10
CA LEU D 142 -4.67 16.11 -12.98
C LEU D 142 -3.41 16.06 -12.11
N GLN D 143 -2.41 15.30 -12.56
CA GLN D 143 -1.17 15.21 -11.81
C GLN D 143 -0.45 16.55 -11.68
N SER D 144 -0.93 17.55 -12.38
CA SER D 144 -0.32 18.81 -12.31
C SER D 144 -0.94 19.56 -11.16
N SER D 145 -2.25 19.59 -11.14
CA SER D 145 -2.98 20.29 -10.10
C SER D 145 -3.07 19.58 -8.76
N ASP D 146 -3.55 20.36 -7.80
CA ASP D 146 -3.78 19.92 -6.46
C ASP D 146 -5.26 19.98 -6.28
N SER D 147 -5.95 20.49 -7.30
CA SER D 147 -7.40 20.68 -7.31
C SER D 147 -8.09 19.54 -8.06
N ARG D 148 -9.41 19.66 -8.22
CA ARG D 148 -10.23 18.60 -8.78
C ARG D 148 -11.26 19.17 -9.76
N ALA D 149 -11.84 18.26 -10.52
CA ALA D 149 -13.05 18.49 -11.30
C ALA D 149 -14.02 17.35 -11.01
N PHE D 150 -15.27 17.51 -11.42
CA PHE D 150 -16.31 16.54 -11.07
C PHE D 150 -17.15 16.20 -12.29
N SER D 151 -17.87 15.09 -12.18
CA SER D 151 -18.67 14.51 -13.25
C SER D 151 -19.55 13.42 -12.67
N THR D 152 -20.73 13.24 -13.27
CA THR D 152 -21.66 12.20 -12.84
C THR D 152 -22.46 11.65 -14.01
#